data_7QXC
#
_entry.id   7QXC
#
_cell.length_a   58.191
_cell.length_b   65.448
_cell.length_c   74.338
_cell.angle_alpha   90.000
_cell.angle_beta   112.899
_cell.angle_gamma   90.000
#
_symmetry.space_group_name_H-M   'P 1 21 1'
#
loop_
_entity.id
_entity.type
_entity.pdbx_description
1 polymer 'Fab 4461 heavy chain'
2 polymer 'Fab 4461 light chain'
3 non-polymer '(2S)-3-(cyclohexylamino)-2-hydroxypropane-1-sulfonic acid'
4 non-polymer DI(HYDROXYETHYL)ETHER
5 non-polymer '[(2~{S},3~{S},4~{R})-4-[(2~{R},3~{R},4~{R},5~{S},6~{R})-3-acetamido-6-(hydroxymethyl)-4,5-bis(oxidanyl)oxan-2-yl]oxy-2,3-bis(oxidanyl)-5-[oxidanyl-[(2~{R})-2-oxidanylpropoxy]phosphoryl]oxy-pentyl] [(2~{R},3~{S},4~{S})-2,3,4,5-tetrakis(oxidanyl)pentyl] hydrogen phosphate'
6 water water
#
loop_
_entity_poly.entity_id
_entity_poly.type
_entity_poly.pdbx_seq_one_letter_code
_entity_poly.pdbx_strand_id
1 'polypeptide(L)'
;QVQLVQSGAEVRKPGASVKVSCKASGYSFTDYYMHWVRQAPGQGLEWMGWINPKSGGTNYAQRFQGRVTMTGDTSISAAY
MDLASLTSDDTAVYYCVKDCGSGGLRDFWGQGTTVTVSSASTKGPSVFPLAPSSKSTSGGTAALGCLVKDYFPEPVTVSW
NSGALTSGVHTFPAVLQSSGLYSLSSVVTVPSSSLGTQTYICNVNHKPSNTKVDKKVEPKSCGGGGSLPETGGHHHHHH
;
HHH
2 'polypeptide(L)'
;DIQMTQSPDSLAVSLGERATINCKSSQSVLSRANNNYYVAWYQHKPGQPPKLLIYWASTREFGVPDRFSGSGSGTDFTLT
INSLQAEDVAVYYCQQYYTSRRTFGQGTKVEIKRTVAAPSVFIFPPSDEQLKSGTASVVCLLNNFYPREAKVQWKVDNAL
QSGNSQESVTEQDSKDSTYSLSSTLTLSKADYEKHKVYACEVTHQGLSSPVTKSFNRGEC
;
LLL
#
# COMPACT_ATOMS: atom_id res chain seq x y z
N GLN A 1 -22.93 -11.21 -0.68
CA GLN A 1 -24.11 -11.36 -1.59
C GLN A 1 -23.64 -11.79 -2.98
N VAL A 2 -22.57 -11.15 -3.45
CA VAL A 2 -21.95 -11.34 -4.79
C VAL A 2 -20.45 -11.48 -4.57
N GLN A 3 -19.84 -12.44 -5.26
CA GLN A 3 -18.39 -12.73 -5.23
C GLN A 3 -17.89 -12.54 -6.66
N LEU A 4 -16.87 -11.71 -6.82
CA LEU A 4 -16.11 -11.63 -8.09
C LEU A 4 -14.77 -12.30 -7.82
N VAL A 5 -14.58 -13.49 -8.37
CA VAL A 5 -13.34 -14.27 -8.14
C VAL A 5 -12.38 -14.01 -9.29
N GLN A 6 -11.21 -13.48 -8.97
CA GLN A 6 -10.21 -13.08 -9.96
C GLN A 6 -9.14 -14.16 -10.05
N SER A 7 -8.48 -14.22 -11.19
CA SER A 7 -7.34 -15.13 -11.42
C SER A 7 -6.16 -14.69 -10.54
N GLY A 8 -5.18 -15.59 -10.40
CA GLY A 8 -4.04 -15.41 -9.48
C GLY A 8 -3.01 -14.44 -10.01
N ALA A 9 -2.06 -14.09 -9.17
CA ALA A 9 -0.99 -13.12 -9.50
C ALA A 9 -0.17 -13.62 -10.70
N GLU A 10 0.29 -12.66 -11.49
CA GLU A 10 1.02 -12.92 -12.76
C GLU A 10 2.31 -12.12 -12.76
N VAL A 11 3.38 -12.71 -13.29
CA VAL A 11 4.63 -12.02 -13.65
C VAL A 11 4.75 -12.05 -15.17
N ARG A 12 5.10 -10.92 -15.77
CA ARG A 12 5.35 -10.81 -17.22
C ARG A 12 6.63 -10.03 -17.47
N LYS A 13 7.35 -10.42 -18.50
CA LYS A 13 8.49 -9.62 -19.00
C LYS A 13 7.97 -8.40 -19.74
N PRO A 14 8.74 -7.29 -19.77
CA PRO A 14 8.38 -6.14 -20.57
C PRO A 14 8.14 -6.56 -22.03
N GLY A 15 7.08 -5.99 -22.63
CA GLY A 15 6.70 -6.22 -24.04
C GLY A 15 5.75 -7.40 -24.19
N ALA A 16 5.55 -8.20 -23.16
CA ALA A 16 4.60 -9.33 -23.16
C ALA A 16 3.18 -8.78 -22.93
N SER A 17 2.20 -9.67 -22.96
CA SER A 17 0.80 -9.35 -22.62
C SER A 17 0.36 -10.19 -21.42
N VAL A 18 -0.70 -9.73 -20.76
CA VAL A 18 -1.30 -10.44 -19.61
C VAL A 18 -2.81 -10.50 -19.82
N LYS A 19 -3.42 -11.60 -19.39
CA LYS A 19 -4.88 -11.75 -19.45
C LYS A 19 -5.36 -12.15 -18.07
N VAL A 20 -6.21 -11.31 -17.47
CA VAL A 20 -6.77 -11.51 -16.10
C VAL A 20 -8.24 -11.85 -16.24
N SER A 21 -8.73 -12.79 -15.42
CA SER A 21 -10.14 -13.23 -15.46
C SER A 21 -10.88 -12.81 -14.20
N CYS A 22 -12.17 -12.65 -14.34
CA CYS A 22 -13.11 -12.26 -13.26
C CYS A 22 -14.41 -13.04 -13.42
N LYS A 23 -14.75 -13.85 -12.44
CA LYS A 23 -15.91 -14.79 -12.54
C LYS A 23 -16.90 -14.41 -11.47
N ALA A 24 -18.10 -14.01 -11.87
CA ALA A 24 -19.18 -13.51 -10.98
C ALA A 24 -20.09 -14.67 -10.57
N SER A 25 -20.62 -14.61 -9.35
CA SER A 25 -21.64 -15.54 -8.82
C SER A 25 -22.47 -14.80 -7.76
N GLY A 26 -23.73 -15.21 -7.56
CA GLY A 26 -24.61 -14.70 -6.49
C GLY A 26 -25.79 -13.90 -7.01
N TYR A 27 -25.55 -13.02 -8.00
CA TYR A 27 -26.56 -12.08 -8.56
C TYR A 27 -26.25 -11.82 -10.04
N SER A 28 -27.18 -12.22 -10.92
CA SER A 28 -27.13 -12.04 -12.39
C SER A 28 -26.03 -12.92 -13.00
N PHE A 29 -25.98 -12.98 -14.33
CA PHE A 29 -24.87 -13.59 -15.11
C PHE A 29 -24.79 -12.98 -16.52
N THR A 30 -25.77 -12.14 -16.91
CA THR A 30 -25.91 -11.55 -18.28
C THR A 30 -25.81 -10.02 -18.22
N ASP A 31 -26.94 -9.31 -18.15
CA ASP A 31 -27.03 -7.86 -18.50
C ASP A 31 -26.69 -7.00 -17.28
N TYR A 32 -25.39 -6.75 -17.10
CA TYR A 32 -24.74 -5.83 -16.15
C TYR A 32 -23.47 -5.29 -16.85
N TYR A 33 -22.84 -4.24 -16.34
CA TYR A 33 -21.52 -3.80 -16.84
C TYR A 33 -20.46 -4.31 -15.87
N MET A 34 -19.34 -4.79 -16.41
CA MET A 34 -18.13 -5.10 -15.64
C MET A 34 -17.07 -4.05 -15.99
N HIS A 35 -16.49 -3.42 -14.98
CA HIS A 35 -15.43 -2.41 -15.15
C HIS A 35 -14.12 -2.99 -14.67
N TRP A 36 -13.03 -2.47 -15.17
CA TRP A 36 -11.66 -2.77 -14.70
C TRP A 36 -11.02 -1.47 -14.22
N VAL A 37 -10.46 -1.52 -13.03
CA VAL A 37 -9.79 -0.41 -12.33
C VAL A 37 -8.44 -0.93 -11.85
N ARG A 38 -7.37 -0.20 -12.02
CA ARG A 38 -6.09 -0.65 -11.47
C ARG A 38 -5.49 0.36 -10.51
N GLN A 39 -4.52 -0.11 -9.74
CA GLN A 39 -3.71 0.76 -8.84
C GLN A 39 -2.26 0.32 -8.93
N ALA A 40 -1.42 1.19 -9.46
CA ALA A 40 0.04 0.99 -9.54
C ALA A 40 0.63 1.47 -8.21
N PRO A 41 1.79 0.93 -7.80
CA PRO A 41 2.47 1.37 -6.57
C PRO A 41 2.64 2.89 -6.48
N GLY A 42 2.13 3.46 -5.38
CA GLY A 42 2.24 4.90 -5.06
C GLY A 42 1.25 5.76 -5.85
N GLN A 43 0.36 5.15 -6.63
CA GLN A 43 -0.53 5.90 -7.52
C GLN A 43 -1.99 5.71 -7.06
N GLY A 44 -2.83 6.60 -7.53
CA GLY A 44 -4.28 6.53 -7.29
C GLY A 44 -4.94 5.49 -8.14
N LEU A 45 -6.21 5.26 -7.89
CA LEU A 45 -7.03 4.38 -8.75
C LEU A 45 -7.10 4.93 -10.17
N GLU A 46 -7.04 4.04 -11.15
CA GLU A 46 -7.15 4.39 -12.58
C GLU A 46 -8.20 3.52 -13.27
N TRP A 47 -9.27 4.12 -13.73
CA TRP A 47 -10.34 3.44 -14.50
C TRP A 47 -9.80 3.03 -15.88
N MET A 48 -10.00 1.79 -16.28
CA MET A 48 -9.43 1.25 -17.55
C MET A 48 -10.50 1.11 -18.62
N GLY A 49 -11.71 0.69 -18.27
CA GLY A 49 -12.72 0.41 -19.30
C GLY A 49 -13.88 -0.37 -18.74
N TRP A 50 -14.93 -0.49 -19.53
CA TRP A 50 -16.06 -1.39 -19.20
C TRP A 50 -16.37 -2.32 -20.36
N ILE A 51 -16.99 -3.43 -19.99
CA ILE A 51 -17.59 -4.39 -20.96
C ILE A 51 -19.01 -4.68 -20.48
N ASN A 52 -19.94 -4.75 -21.42
CA ASN A 52 -21.29 -5.32 -21.19
C ASN A 52 -21.24 -6.77 -21.64
N PRO A 53 -21.14 -7.78 -20.73
CA PRO A 53 -20.93 -9.16 -21.14
C PRO A 53 -22.07 -9.76 -21.96
N LYS A 54 -23.28 -9.19 -21.91
CA LYS A 54 -24.43 -9.66 -22.73
C LYS A 54 -24.21 -9.25 -24.19
N SER A 55 -23.97 -7.97 -24.46
CA SER A 55 -23.82 -7.39 -25.82
C SER A 55 -22.40 -7.59 -26.34
N GLY A 56 -21.43 -7.68 -25.43
CA GLY A 56 -19.99 -7.67 -25.77
C GLY A 56 -19.46 -6.27 -26.00
N GLY A 57 -20.31 -5.25 -25.88
CA GLY A 57 -19.91 -3.85 -26.06
C GLY A 57 -18.85 -3.47 -25.04
N THR A 58 -17.89 -2.67 -25.47
CA THR A 58 -16.79 -2.18 -24.61
C THR A 58 -16.61 -0.68 -24.78
N ASN A 59 -15.93 -0.07 -23.81
CA ASN A 59 -15.43 1.31 -23.93
C ASN A 59 -14.19 1.41 -23.04
N TYR A 60 -13.08 1.87 -23.61
CA TYR A 60 -11.77 1.90 -22.95
C TYR A 60 -11.35 3.35 -22.68
N ALA A 61 -10.63 3.56 -21.59
CA ALA A 61 -9.95 4.84 -21.35
C ALA A 61 -9.03 5.11 -22.54
N GLN A 62 -8.87 6.38 -22.91
CA GLN A 62 -8.11 6.78 -24.12
C GLN A 62 -6.67 6.24 -24.04
N ARG A 63 -6.06 6.23 -22.86
CA ARG A 63 -4.62 5.86 -22.77
C ARG A 63 -4.42 4.35 -22.94
N PHE A 64 -5.48 3.53 -22.91
CA PHE A 64 -5.35 2.06 -23.12
C PHE A 64 -5.89 1.65 -24.49
N GLN A 65 -6.50 2.58 -25.23
CA GLN A 65 -7.10 2.29 -26.56
C GLN A 65 -6.00 1.76 -27.49
N GLY A 66 -6.23 0.59 -28.10
CA GLY A 66 -5.26 -0.08 -28.97
C GLY A 66 -4.36 -1.05 -28.25
N ARG A 67 -4.40 -1.10 -26.91
CA ARG A 67 -3.49 -1.98 -26.13
C ARG A 67 -4.28 -2.92 -25.19
N VAL A 68 -5.53 -2.60 -24.90
CA VAL A 68 -6.38 -3.44 -24.02
C VAL A 68 -7.53 -4.02 -24.85
N THR A 69 -7.89 -5.25 -24.53
CA THR A 69 -9.09 -5.91 -25.09
C THR A 69 -9.84 -6.56 -23.93
N MET A 70 -11.10 -6.17 -23.74
CA MET A 70 -11.97 -6.80 -22.76
C MET A 70 -12.95 -7.72 -23.50
N THR A 71 -13.14 -8.90 -22.97
CA THR A 71 -14.11 -9.89 -23.50
C THR A 71 -14.92 -10.48 -22.36
N GLY A 72 -16.01 -11.14 -22.73
CA GLY A 72 -16.94 -11.71 -21.75
C GLY A 72 -17.49 -13.02 -22.25
N ASP A 73 -17.81 -13.91 -21.32
CA ASP A 73 -18.46 -15.22 -21.61
C ASP A 73 -19.66 -15.32 -20.67
N THR A 74 -20.82 -14.84 -21.11
CA THR A 74 -22.08 -14.72 -20.31
C THR A 74 -22.47 -16.10 -19.76
N SER A 75 -22.05 -17.17 -20.43
CA SER A 75 -22.38 -18.58 -20.10
C SER A 75 -21.72 -19.02 -18.79
N ILE A 76 -20.58 -18.41 -18.42
CA ILE A 76 -19.84 -18.71 -17.16
C ILE A 76 -19.67 -17.42 -16.33
N SER A 77 -20.43 -16.37 -16.68
CA SER A 77 -20.47 -15.04 -16.01
C SER A 77 -19.05 -14.48 -15.85
N ALA A 78 -18.22 -14.65 -16.88
CA ALA A 78 -16.77 -14.32 -16.81
C ALA A 78 -16.47 -13.08 -17.67
N ALA A 79 -15.56 -12.25 -17.19
CA ALA A 79 -15.02 -11.10 -17.93
C ALA A 79 -13.50 -11.23 -17.91
N TYR A 80 -12.86 -10.78 -18.97
CA TYR A 80 -11.40 -10.88 -19.12
C TYR A 80 -10.86 -9.51 -19.51
N MET A 81 -9.67 -9.19 -19.00
CA MET A 81 -8.90 -7.99 -19.34
C MET A 81 -7.57 -8.50 -19.92
N ASP A 82 -7.31 -8.19 -21.19
CA ASP A 82 -6.06 -8.57 -21.89
C ASP A 82 -5.31 -7.30 -22.21
N LEU A 83 -4.14 -7.09 -21.59
CA LEU A 83 -3.34 -5.86 -21.77
C LEU A 83 -2.01 -6.24 -22.42
N ALA A 84 -1.71 -5.61 -23.57
CA ALA A 84 -0.51 -5.90 -24.37
C ALA A 84 0.62 -4.88 -24.12
N SER A 85 1.79 -5.16 -24.69
CA SER A 85 2.94 -4.23 -24.72
C SER A 85 3.22 -3.74 -23.30
N LEU A 86 3.34 -4.67 -22.35
CA LEU A 86 3.48 -4.30 -20.92
C LEU A 86 4.83 -3.60 -20.68
N THR A 87 4.79 -2.58 -19.83
CA THR A 87 6.00 -1.95 -19.24
C THR A 87 5.86 -1.97 -17.72
N SER A 88 6.88 -1.50 -17.02
CA SER A 88 6.86 -1.42 -15.53
C SER A 88 5.74 -0.49 -15.06
N ASP A 89 5.22 0.42 -15.90
CA ASP A 89 4.08 1.32 -15.57
C ASP A 89 2.81 0.48 -15.42
N ASP A 90 2.81 -0.76 -15.93
CA ASP A 90 1.64 -1.67 -15.81
C ASP A 90 1.73 -2.58 -14.59
N THR A 91 2.78 -2.52 -13.81
CA THR A 91 2.83 -3.25 -12.53
C THR A 91 1.76 -2.62 -11.64
N ALA A 92 0.80 -3.39 -11.21
CA ALA A 92 -0.40 -2.83 -10.55
C ALA A 92 -1.26 -3.96 -10.02
N VAL A 93 -2.17 -3.62 -9.12
CA VAL A 93 -3.31 -4.49 -8.79
C VAL A 93 -4.45 -4.13 -9.76
N TYR A 94 -5.07 -5.12 -10.35
CA TYR A 94 -6.17 -4.99 -11.34
C TYR A 94 -7.42 -5.52 -10.68
N TYR A 95 -8.44 -4.68 -10.53
CA TYR A 95 -9.73 -5.01 -9.90
C TYR A 95 -10.82 -5.07 -10.96
N CYS A 96 -11.68 -6.08 -10.90
CA CYS A 96 -12.95 -6.07 -11.65
C CYS A 96 -14.03 -5.55 -10.71
N VAL A 97 -15.01 -4.86 -11.29
CA VAL A 97 -16.09 -4.19 -10.54
C VAL A 97 -17.38 -4.39 -11.32
N LYS A 98 -18.39 -4.98 -10.68
CA LYS A 98 -19.74 -5.14 -11.26
C LYS A 98 -20.58 -3.90 -10.92
N ASP A 99 -21.22 -3.33 -11.94
CA ASP A 99 -22.26 -2.25 -11.86
C ASP A 99 -23.63 -2.91 -11.66
N CYS A 100 -24.25 -2.75 -10.50
CA CYS A 100 -25.58 -3.35 -10.15
C CYS A 100 -26.73 -2.44 -10.61
N GLY A 101 -27.97 -2.94 -10.54
CA GLY A 101 -29.18 -2.14 -10.77
C GLY A 101 -29.55 -1.31 -9.55
N SER A 102 -30.78 -0.80 -9.53
CA SER A 102 -31.44 -0.21 -8.33
C SER A 102 -31.86 -1.35 -7.38
N GLY A 103 -32.25 -1.00 -6.16
CA GLY A 103 -32.79 -1.93 -5.15
C GLY A 103 -31.81 -2.16 -4.00
N GLY A 104 -30.59 -2.60 -4.31
CA GLY A 104 -29.57 -3.02 -3.33
C GLY A 104 -28.30 -2.20 -3.44
N LEU A 105 -27.16 -2.78 -3.07
CA LEU A 105 -25.83 -2.15 -3.24
C LEU A 105 -25.59 -1.90 -4.74
N ARG A 106 -24.93 -0.80 -5.06
CA ARG A 106 -24.78 -0.27 -6.43
C ARG A 106 -23.61 -0.95 -7.13
N ASP A 107 -22.68 -1.56 -6.40
CA ASP A 107 -21.47 -2.14 -7.01
C ASP A 107 -20.94 -3.28 -6.14
N PHE A 108 -20.11 -4.11 -6.75
CA PHE A 108 -19.33 -5.16 -6.04
C PHE A 108 -17.96 -5.25 -6.67
N TRP A 109 -16.93 -5.33 -5.84
CA TRP A 109 -15.53 -5.39 -6.28
C TRP A 109 -14.96 -6.78 -6.08
N GLY A 110 -14.13 -7.19 -7.02
CA GLY A 110 -13.18 -8.29 -6.82
C GLY A 110 -12.09 -7.87 -5.87
N GLN A 111 -11.27 -8.82 -5.44
CA GLN A 111 -10.21 -8.57 -4.45
C GLN A 111 -8.90 -8.12 -5.10
N GLY A 112 -8.83 -8.14 -6.44
CA GLY A 112 -7.62 -7.69 -7.15
C GLY A 112 -6.71 -8.82 -7.58
N THR A 113 -6.06 -8.62 -8.71
CA THR A 113 -5.01 -9.50 -9.26
C THR A 113 -3.74 -8.67 -9.38
N THR A 114 -2.64 -9.11 -8.78
CA THR A 114 -1.36 -8.38 -8.89
C THR A 114 -0.64 -8.85 -10.15
N VAL A 115 -0.27 -7.90 -10.98
CA VAL A 115 0.56 -8.15 -12.18
C VAL A 115 1.89 -7.40 -11.97
N THR A 116 3.00 -8.13 -12.08
CA THR A 116 4.34 -7.55 -11.94
C THR A 116 5.03 -7.64 -13.30
N VAL A 117 5.44 -6.51 -13.84
CA VAL A 117 6.15 -6.44 -15.14
C VAL A 117 7.63 -6.21 -14.83
N SER A 118 8.45 -7.20 -15.13
CA SER A 118 9.88 -7.22 -14.74
C SER A 118 10.61 -8.31 -15.51
N SER A 119 11.91 -8.14 -15.69
CA SER A 119 12.80 -9.18 -16.28
C SER A 119 13.36 -10.08 -15.19
N ALA A 120 13.09 -9.80 -13.90
CA ALA A 120 13.62 -10.61 -12.77
C ALA A 120 13.04 -12.02 -12.79
N SER A 121 13.84 -12.99 -12.33
CA SER A 121 13.45 -14.40 -12.14
C SER A 121 12.94 -14.61 -10.71
N THR A 122 12.02 -15.54 -10.53
CA THR A 122 11.51 -15.96 -9.20
C THR A 122 12.69 -16.32 -8.32
N LYS A 123 12.74 -15.76 -7.11
CA LYS A 123 13.84 -15.98 -6.16
C LYS A 123 13.28 -15.85 -4.76
N GLY A 124 13.53 -16.85 -3.92
CA GLY A 124 13.19 -16.84 -2.50
C GLY A 124 14.15 -15.95 -1.73
N PRO A 125 13.71 -15.38 -0.60
CA PRO A 125 14.53 -14.45 0.16
C PRO A 125 15.62 -15.11 1.00
N SER A 126 16.65 -14.33 1.33
CA SER A 126 17.54 -14.59 2.48
C SER A 126 16.92 -13.91 3.69
N VAL A 127 16.99 -14.54 4.86
CA VAL A 127 16.44 -13.96 6.10
C VAL A 127 17.56 -13.77 7.10
N PHE A 128 17.82 -12.52 7.44
CA PHE A 128 18.91 -12.17 8.36
C PHE A 128 18.32 -11.62 9.65
N PRO A 129 18.99 -11.86 10.80
CA PRO A 129 18.50 -11.31 12.06
C PRO A 129 18.85 -9.83 12.19
N LEU A 130 17.93 -9.10 12.81
CA LEU A 130 18.19 -7.77 13.39
C LEU A 130 18.23 -7.98 14.91
N ALA A 131 19.43 -8.26 15.44
CA ALA A 131 19.57 -8.78 16.81
C ALA A 131 19.39 -7.64 17.79
N PRO A 132 18.74 -7.88 18.95
CA PRO A 132 18.59 -6.84 19.97
C PRO A 132 19.96 -6.52 20.58
N SER A 133 20.25 -5.23 20.79
CA SER A 133 21.60 -4.71 21.15
C SER A 133 21.74 -4.64 22.67
N SER A 138 16.79 0.10 25.51
CA SER A 138 16.46 1.54 25.34
C SER A 138 15.23 1.90 26.18
N GLY A 139 15.43 2.15 27.48
CA GLY A 139 14.38 2.56 28.44
C GLY A 139 13.42 1.43 28.76
N GLY A 140 13.94 0.24 29.08
CA GLY A 140 13.16 -0.95 29.47
C GLY A 140 12.68 -1.76 28.27
N THR A 141 12.79 -1.21 27.06
CA THR A 141 12.25 -1.84 25.81
C THR A 141 13.39 -2.09 24.82
N ALA A 142 13.38 -3.27 24.21
CA ALA A 142 14.37 -3.70 23.20
C ALA A 142 13.64 -3.87 21.86
N ALA A 143 14.29 -3.50 20.77
CA ALA A 143 13.81 -3.78 19.40
C ALA A 143 14.63 -4.91 18.79
N LEU A 144 13.95 -5.79 18.05
CA LEU A 144 14.63 -6.85 17.29
C LEU A 144 13.80 -7.08 16.03
N GLY A 145 14.35 -7.85 15.10
CA GLY A 145 13.62 -8.01 13.84
C GLY A 145 14.27 -8.99 12.90
N CYS A 146 13.71 -9.04 11.69
CA CYS A 146 14.18 -9.88 10.58
C CYS A 146 14.23 -9.03 9.34
N LEU A 147 15.36 -9.10 8.63
CA LEU A 147 15.53 -8.46 7.30
C LEU A 147 15.31 -9.57 6.27
N VAL A 148 14.31 -9.39 5.40
CA VAL A 148 13.92 -10.38 4.38
C VAL A 148 14.39 -9.83 3.03
N LYS A 149 15.54 -10.31 2.54
CA LYS A 149 16.27 -9.58 1.49
C LYS A 149 16.28 -10.40 0.19
N ASP A 150 16.12 -9.68 -0.92
CA ASP A 150 16.46 -10.16 -2.30
C ASP A 150 15.49 -11.25 -2.73
N TYR A 151 14.19 -10.95 -2.78
CA TYR A 151 13.17 -11.91 -3.26
C TYR A 151 12.42 -11.29 -4.44
N PHE A 152 11.79 -12.15 -5.22
CA PHE A 152 10.93 -11.73 -6.35
C PHE A 152 9.99 -12.87 -6.69
N PRO A 153 8.71 -12.62 -7.02
CA PRO A 153 8.06 -11.32 -6.92
C PRO A 153 7.50 -11.10 -5.51
N GLU A 154 6.78 -10.01 -5.33
CA GLU A 154 5.96 -9.83 -4.11
CA GLU A 154 5.95 -9.82 -4.12
C GLU A 154 4.88 -10.89 -4.13
N PRO A 155 4.26 -11.25 -2.98
CA PRO A 155 4.62 -10.75 -1.66
C PRO A 155 5.36 -11.75 -0.76
N VAL A 156 5.87 -11.25 0.34
CA VAL A 156 6.29 -12.09 1.50
C VAL A 156 5.41 -11.72 2.70
N THR A 157 5.13 -12.70 3.55
CA THR A 157 4.46 -12.47 4.83
C THR A 157 5.45 -12.78 5.94
N VAL A 158 5.37 -12.03 7.03
CA VAL A 158 6.17 -12.31 8.24
C VAL A 158 5.21 -12.36 9.43
N SER A 159 5.30 -13.40 10.24
CA SER A 159 4.67 -13.45 11.57
C SER A 159 5.77 -13.65 12.63
N TRP A 160 5.40 -13.51 13.89
CA TRP A 160 6.31 -13.71 15.03
C TRP A 160 5.72 -14.78 15.93
N ASN A 161 6.52 -15.78 16.26
CA ASN A 161 6.14 -16.86 17.21
C ASN A 161 4.84 -17.49 16.70
N SER A 162 4.79 -17.78 15.41
CA SER A 162 3.65 -18.47 14.75
C SER A 162 2.36 -17.69 14.91
N GLY A 163 2.47 -16.36 15.00
CA GLY A 163 1.34 -15.44 15.05
C GLY A 163 0.84 -15.22 16.46
N ALA A 164 1.49 -15.81 17.48
CA ALA A 164 1.14 -15.59 18.89
C ALA A 164 1.62 -14.21 19.36
N LEU A 165 2.66 -13.64 18.77
CA LEU A 165 3.21 -12.33 19.17
C LEU A 165 2.74 -11.27 18.17
N THR A 166 1.83 -10.40 18.60
CA THR A 166 1.24 -9.34 17.74
C THR A 166 1.54 -7.95 18.31
N SER A 167 1.58 -7.77 19.62
CA SER A 167 1.84 -6.45 20.25
C SER A 167 3.23 -5.94 19.84
N GLY A 168 3.29 -4.73 19.28
CA GLY A 168 4.54 -4.03 18.99
C GLY A 168 5.20 -4.52 17.71
N VAL A 169 4.54 -5.37 16.94
CA VAL A 169 5.07 -5.81 15.62
C VAL A 169 4.82 -4.71 14.59
N HIS A 170 5.84 -4.40 13.80
CA HIS A 170 5.74 -3.53 12.60
C HIS A 170 6.42 -4.24 11.45
N THR A 171 5.66 -4.58 10.42
CA THR A 171 6.22 -5.11 9.17
C THR A 171 6.08 -4.04 8.10
N PHE A 172 7.22 -3.58 7.61
CA PHE A 172 7.29 -2.42 6.69
C PHE A 172 6.88 -2.84 5.28
N PRO A 173 6.40 -1.88 4.46
CA PRO A 173 6.23 -2.12 3.04
C PRO A 173 7.57 -2.54 2.42
N ALA A 174 7.51 -3.47 1.48
CA ALA A 174 8.70 -3.86 0.72
C ALA A 174 9.20 -2.69 -0.12
N VAL A 175 10.50 -2.67 -0.34
CA VAL A 175 11.15 -1.69 -1.25
C VAL A 175 11.67 -2.49 -2.42
N LEU A 176 11.57 -1.92 -3.61
CA LEU A 176 12.20 -2.53 -4.81
C LEU A 176 13.61 -1.95 -4.98
N GLN A 177 14.63 -2.81 -4.99
CA GLN A 177 16.06 -2.45 -5.09
C GLN A 177 16.40 -2.26 -6.58
N SER A 178 17.49 -1.56 -6.88
CA SER A 178 17.95 -1.35 -8.27
C SER A 178 18.26 -2.69 -8.97
N SER A 179 18.50 -3.78 -8.23
CA SER A 179 18.70 -5.16 -8.74
C SER A 179 17.41 -5.73 -9.36
N GLY A 180 16.25 -5.14 -9.09
CA GLY A 180 14.96 -5.71 -9.48
C GLY A 180 14.39 -6.67 -8.43
N LEU A 181 15.08 -6.85 -7.30
CA LEU A 181 14.61 -7.72 -6.20
C LEU A 181 14.09 -6.83 -5.07
N TYR A 182 13.12 -7.35 -4.34
CA TYR A 182 12.50 -6.68 -3.19
C TYR A 182 13.25 -7.00 -1.90
N SER A 183 13.05 -6.12 -0.92
CA SER A 183 13.54 -6.30 0.46
C SER A 183 12.45 -5.80 1.38
N LEU A 184 12.32 -6.45 2.53
CA LEU A 184 11.31 -6.11 3.55
C LEU A 184 11.94 -6.30 4.93
N SER A 185 11.59 -5.46 5.88
CA SER A 185 12.01 -5.61 7.29
C SER A 185 10.76 -5.79 8.14
N SER A 186 10.84 -6.64 9.15
CA SER A 186 9.82 -6.77 10.21
C SER A 186 10.51 -6.62 11.56
N VAL A 187 9.96 -5.81 12.45
CA VAL A 187 10.54 -5.58 13.79
C VAL A 187 9.46 -5.81 14.84
N VAL A 188 9.92 -6.00 16.06
CA VAL A 188 9.02 -6.06 17.25
C VAL A 188 9.78 -5.42 18.41
N THR A 189 9.06 -4.68 19.24
CA THR A 189 9.63 -4.17 20.51
C THR A 189 9.08 -5.06 21.63
N VAL A 190 9.96 -5.43 22.57
CA VAL A 190 9.65 -6.36 23.69
C VAL A 190 10.32 -5.80 24.94
N PRO A 191 9.87 -6.21 26.14
CA PRO A 191 10.55 -5.82 27.37
C PRO A 191 11.98 -6.40 27.35
N SER A 192 12.99 -5.58 27.66
CA SER A 192 14.42 -5.97 27.72
C SER A 192 14.59 -7.18 28.65
N SER A 193 13.81 -7.24 29.73
CA SER A 193 13.85 -8.33 30.74
C SER A 193 13.45 -9.66 30.10
N SER A 194 12.69 -9.65 29.00
CA SER A 194 12.17 -10.87 28.34
C SER A 194 13.27 -11.53 27.47
N LEU A 195 14.35 -10.82 27.14
CA LEU A 195 15.38 -11.30 26.18
C LEU A 195 16.07 -12.55 26.71
N GLY A 196 16.11 -12.76 28.03
CA GLY A 196 16.68 -13.96 28.67
C GLY A 196 15.70 -15.13 28.68
N THR A 197 14.43 -14.85 28.99
CA THR A 197 13.35 -15.86 29.17
C THR A 197 12.76 -16.29 27.81
N GLN A 198 12.27 -15.34 27.00
CA GLN A 198 11.33 -15.61 25.88
C GLN A 198 12.09 -15.78 24.56
N THR A 199 11.68 -16.75 23.73
CA THR A 199 12.26 -16.95 22.38
C THR A 199 11.45 -16.13 21.37
N TYR A 200 12.15 -15.59 20.38
CA TYR A 200 11.56 -14.77 19.28
C TYR A 200 11.97 -15.37 17.95
N ILE A 201 10.98 -15.86 17.20
CA ILE A 201 11.19 -16.51 15.88
C ILE A 201 10.34 -15.74 14.88
N CYS A 202 10.93 -15.26 13.80
CA CYS A 202 10.17 -14.69 12.69
C CYS A 202 9.88 -15.79 11.67
N ASN A 203 8.62 -15.87 11.27
CA ASN A 203 8.11 -16.88 10.32
C ASN A 203 7.91 -16.20 8.96
N VAL A 204 8.76 -16.49 8.02
CA VAL A 204 8.76 -15.81 6.69
C VAL A 204 8.19 -16.78 5.65
N ASN A 205 7.25 -16.33 4.84
CA ASN A 205 6.67 -17.19 3.77
C ASN A 205 6.72 -16.40 2.46
N HIS A 206 7.42 -16.96 1.48
CA HIS A 206 7.44 -16.46 0.08
C HIS A 206 6.79 -17.54 -0.80
N LYS A 207 5.48 -17.48 -0.93
CA LYS A 207 4.71 -18.54 -1.64
C LYS A 207 5.15 -18.64 -3.10
N PRO A 208 5.44 -17.53 -3.83
CA PRO A 208 5.85 -17.67 -5.23
C PRO A 208 7.04 -18.60 -5.48
N SER A 209 7.99 -18.72 -4.53
CA SER A 209 9.19 -19.59 -4.65
C SER A 209 9.05 -20.83 -3.76
N ASN A 210 7.91 -21.00 -3.10
CA ASN A 210 7.66 -22.10 -2.13
C ASN A 210 8.74 -22.10 -1.05
N THR A 211 9.09 -20.92 -0.54
CA THR A 211 10.17 -20.71 0.46
C THR A 211 9.54 -20.30 1.78
N LYS A 212 9.64 -21.16 2.80
CA LYS A 212 9.22 -20.85 4.18
C LYS A 212 10.46 -20.94 5.07
N VAL A 213 10.73 -19.89 5.85
CA VAL A 213 11.89 -19.83 6.75
C VAL A 213 11.43 -19.43 8.15
N ASP A 214 11.91 -20.12 9.18
CA ASP A 214 11.79 -19.67 10.59
C ASP A 214 13.15 -19.25 11.09
N LYS A 215 13.30 -18.00 11.49
CA LYS A 215 14.60 -17.46 12.00
C LYS A 215 14.46 -17.08 13.47
N LYS A 216 15.16 -17.80 14.35
CA LYS A 216 15.28 -17.42 15.78
C LYS A 216 16.23 -16.23 15.88
N VAL A 217 15.80 -15.17 16.55
CA VAL A 217 16.57 -13.92 16.69
C VAL A 217 16.97 -13.77 18.17
N GLU A 218 18.26 -13.68 18.45
CA GLU A 218 18.74 -13.59 19.85
C GLU A 218 19.82 -12.53 19.94
N PRO A 219 20.11 -12.03 21.17
CA PRO A 219 21.24 -11.11 21.38
C PRO A 219 22.55 -11.72 20.86
N LYS A 220 23.41 -10.89 20.28
CA LYS A 220 24.73 -11.30 19.70
C LYS A 220 25.74 -11.42 20.84
N ASP B 1 -11.94 14.47 -22.15
CA ASP B 1 -12.46 13.63 -21.02
C ASP B 1 -12.69 14.55 -19.82
N ILE B 2 -13.52 14.13 -18.86
CA ILE B 2 -13.77 15.01 -17.69
C ILE B 2 -12.72 14.72 -16.62
N GLN B 3 -11.95 15.74 -16.24
CA GLN B 3 -10.96 15.61 -15.16
C GLN B 3 -11.64 15.86 -13.82
N MET B 4 -11.13 15.22 -12.78
CA MET B 4 -11.57 15.35 -11.38
C MET B 4 -10.32 15.70 -10.58
N THR B 5 -10.27 16.92 -10.04
CA THR B 5 -9.10 17.43 -9.28
C THR B 5 -9.46 17.50 -7.81
N GLN B 6 -8.85 16.63 -7.00
CA GLN B 6 -9.10 16.55 -5.55
C GLN B 6 -8.14 17.44 -4.79
N SER B 7 -8.61 17.91 -3.65
CA SER B 7 -7.80 18.68 -2.67
C SER B 7 -8.37 18.55 -1.27
N PRO B 8 -7.55 18.53 -0.21
CA PRO B 8 -6.09 18.52 -0.33
C PRO B 8 -5.57 17.11 -0.68
N ASP B 9 -4.26 16.96 -0.85
CA ASP B 9 -3.62 15.64 -1.06
C ASP B 9 -3.65 14.81 0.24
N SER B 10 -3.47 15.49 1.36
CA SER B 10 -3.33 14.89 2.71
C SER B 10 -4.13 15.75 3.68
N LEU B 11 -4.80 15.11 4.62
CA LEU B 11 -5.63 15.79 5.63
C LEU B 11 -5.40 15.11 6.98
N ALA B 12 -4.99 15.86 8.00
CA ALA B 12 -4.92 15.35 9.38
C ALA B 12 -6.02 15.99 10.22
N VAL B 13 -6.86 15.19 10.83
CA VAL B 13 -8.04 15.65 11.58
C VAL B 13 -8.05 14.96 12.95
N SER B 14 -8.28 15.72 14.02
CA SER B 14 -8.35 15.16 15.38
C SER B 14 -9.56 14.25 15.51
N LEU B 15 -9.46 13.21 16.34
CA LEU B 15 -10.57 12.28 16.62
C LEU B 15 -11.80 13.10 17.03
N GLY B 16 -12.95 12.76 16.45
CA GLY B 16 -14.25 13.41 16.71
C GLY B 16 -14.45 14.73 15.96
N GLU B 17 -13.47 15.23 15.20
CA GLU B 17 -13.59 16.50 14.44
C GLU B 17 -14.00 16.24 13.00
N ARG B 18 -14.26 17.31 12.25
CA ARG B 18 -14.81 17.25 10.88
C ARG B 18 -13.69 17.20 9.84
N ALA B 19 -13.77 16.24 8.90
CA ALA B 19 -12.87 16.18 7.75
C ALA B 19 -13.66 16.64 6.53
N THR B 20 -13.07 17.51 5.72
CA THR B 20 -13.66 17.99 4.44
C THR B 20 -12.69 17.66 3.31
N ILE B 21 -13.18 16.94 2.31
CA ILE B 21 -12.41 16.59 1.10
C ILE B 21 -13.12 17.17 -0.11
N ASN B 22 -12.38 17.85 -0.97
CA ASN B 22 -12.92 18.60 -2.12
C ASN B 22 -12.55 17.91 -3.43
N CYS B 23 -13.40 18.06 -4.44
CA CYS B 23 -13.18 17.53 -5.78
C CYS B 23 -13.82 18.48 -6.79
N LYS B 24 -13.07 18.93 -7.78
CA LYS B 24 -13.57 19.86 -8.82
C LYS B 24 -13.59 19.12 -10.14
N SER B 25 -14.75 19.05 -10.79
CA SER B 25 -14.88 18.50 -12.15
C SER B 25 -14.45 19.58 -13.15
N SER B 26 -13.83 19.18 -14.26
CA SER B 26 -13.36 20.12 -15.32
C SER B 26 -14.53 20.61 -16.17
N GLN B 27 -15.66 19.91 -16.10
CA GLN B 27 -16.89 20.20 -16.87
C GLN B 27 -18.10 19.80 -16.01
N SER B 28 -19.28 20.23 -16.39
CA SER B 28 -20.54 19.79 -15.75
C SER B 28 -20.63 18.26 -15.74
N VAL B 29 -21.09 17.71 -14.63
CA VAL B 29 -21.41 16.25 -14.53
C VAL B 29 -22.87 16.09 -14.12
N LEU B 30 -23.71 17.09 -14.42
CA LEU B 30 -25.14 17.14 -14.04
C LEU B 30 -25.99 16.67 -15.22
N SER B 31 -26.87 15.70 -15.00
CA SER B 31 -27.87 15.31 -16.01
C SER B 31 -28.98 16.37 -16.00
N ARG B 32 -29.28 16.94 -17.16
CA ARG B 32 -30.46 17.85 -17.27
C ARG B 32 -31.76 17.05 -17.15
N ALA B 33 -31.74 15.73 -17.36
CA ALA B 33 -32.96 14.89 -17.36
C ALA B 33 -33.41 14.56 -15.93
N ASN B 34 -32.50 14.38 -14.96
CA ASN B 34 -32.85 13.98 -13.57
C ASN B 34 -32.22 14.92 -12.54
N ASN B 35 -31.42 15.91 -12.94
CA ASN B 35 -30.80 16.90 -12.03
C ASN B 35 -29.92 16.19 -10.99
N ASN B 36 -29.42 15.00 -11.33
CA ASN B 36 -28.41 14.35 -10.49
C ASN B 36 -27.02 14.66 -11.01
N TYR B 37 -26.09 14.90 -10.07
CA TYR B 37 -24.65 14.96 -10.36
C TYR B 37 -24.09 13.54 -10.36
N TYR B 38 -23.40 13.15 -11.42
CA TYR B 38 -22.88 11.77 -11.63
C TYR B 38 -21.48 11.70 -11.01
N VAL B 39 -21.47 11.78 -9.68
CA VAL B 39 -20.25 11.78 -8.84
C VAL B 39 -20.41 10.76 -7.73
N ALA B 40 -19.38 9.96 -7.56
CA ALA B 40 -19.30 8.96 -6.50
C ALA B 40 -18.10 9.27 -5.60
N TRP B 41 -18.13 8.81 -4.37
CA TRP B 41 -16.98 8.85 -3.45
C TRP B 41 -16.68 7.42 -2.99
N TYR B 42 -15.40 7.08 -3.01
CA TYR B 42 -14.87 5.78 -2.58
C TYR B 42 -13.91 5.97 -1.42
N GLN B 43 -13.92 4.96 -0.54
CA GLN B 43 -12.97 4.81 0.58
C GLN B 43 -12.08 3.61 0.31
N HIS B 44 -10.77 3.78 0.40
CA HIS B 44 -9.82 2.68 0.12
C HIS B 44 -8.90 2.48 1.32
N LYS B 45 -9.03 1.34 1.97
CA LYS B 45 -8.20 0.92 3.13
C LYS B 45 -7.42 -0.34 2.78
N PRO B 46 -6.29 -0.61 3.47
CA PRO B 46 -5.58 -1.87 3.32
C PRO B 46 -6.49 -3.08 3.61
N GLY B 47 -6.30 -4.17 2.85
CA GLY B 47 -6.95 -5.46 3.13
C GLY B 47 -8.39 -5.53 2.64
N GLN B 48 -8.83 -4.52 1.87
CA GLN B 48 -10.20 -4.48 1.32
C GLN B 48 -10.19 -3.70 0.02
N PRO B 49 -11.05 -4.08 -0.95
CA PRO B 49 -11.11 -3.32 -2.18
C PRO B 49 -11.73 -1.96 -1.90
N PRO B 50 -11.59 -1.00 -2.83
CA PRO B 50 -12.28 0.29 -2.68
C PRO B 50 -13.78 0.08 -2.43
N LYS B 51 -14.34 0.89 -1.56
CA LYS B 51 -15.73 0.81 -1.04
C LYS B 51 -16.50 2.06 -1.44
N LEU B 52 -17.61 1.90 -2.15
CA LEU B 52 -18.49 3.04 -2.48
C LEU B 52 -19.16 3.59 -1.22
N LEU B 53 -19.03 4.89 -0.97
CA LEU B 53 -19.69 5.56 0.16
C LEU B 53 -20.93 6.32 -0.28
N ILE B 54 -20.79 7.06 -1.38
CA ILE B 54 -21.74 8.11 -1.83
C ILE B 54 -21.88 7.98 -3.34
N TYR B 55 -23.10 8.07 -3.84
CA TYR B 55 -23.33 8.16 -5.30
C TYR B 55 -24.32 9.29 -5.56
N TRP B 56 -24.44 9.67 -6.83
CA TRP B 56 -25.25 10.85 -7.23
C TRP B 56 -24.92 12.03 -6.29
N ALA B 57 -23.63 12.18 -5.96
CA ALA B 57 -23.01 13.27 -5.16
C ALA B 57 -23.42 13.26 -3.69
N SER B 58 -24.66 12.90 -3.35
CA SER B 58 -25.18 13.14 -1.99
C SER B 58 -25.96 11.94 -1.45
N THR B 59 -26.12 10.86 -2.18
CA THR B 59 -26.86 9.68 -1.66
C THR B 59 -25.88 8.70 -1.00
N ARG B 60 -26.07 8.43 0.29
CA ARG B 60 -25.24 7.46 1.02
C ARG B 60 -25.64 6.04 0.61
N GLU B 61 -24.64 5.22 0.31
CA GLU B 61 -24.80 3.77 0.04
C GLU B 61 -25.26 3.06 1.32
N PHE B 62 -26.00 1.97 1.13
CA PHE B 62 -26.43 1.09 2.24
C PHE B 62 -25.20 0.69 3.06
N GLY B 63 -25.31 0.73 4.38
CA GLY B 63 -24.26 0.22 5.30
C GLY B 63 -23.18 1.24 5.61
N VAL B 64 -23.23 2.42 4.99
CA VAL B 64 -22.28 3.51 5.26
C VAL B 64 -22.77 4.32 6.45
N PRO B 65 -21.91 4.58 7.47
CA PRO B 65 -22.31 5.37 8.63
C PRO B 65 -22.80 6.79 8.27
N ASP B 66 -23.78 7.31 9.00
CA ASP B 66 -24.42 8.61 8.68
C ASP B 66 -23.45 9.78 8.93
N ARG B 67 -22.27 9.55 9.51
CA ARG B 67 -21.25 10.63 9.66
C ARG B 67 -20.62 10.97 8.30
N PHE B 68 -20.83 10.13 7.29
CA PHE B 68 -20.39 10.43 5.89
C PHE B 68 -21.53 11.15 5.17
N SER B 69 -21.22 12.29 4.56
CA SER B 69 -22.18 13.02 3.71
C SER B 69 -21.47 13.61 2.50
N GLY B 70 -22.21 13.73 1.41
CA GLY B 70 -21.69 14.34 0.18
C GLY B 70 -22.54 15.53 -0.23
N SER B 71 -21.91 16.50 -0.87
CA SER B 71 -22.61 17.66 -1.46
C SER B 71 -22.04 17.96 -2.84
N GLY B 72 -22.92 18.44 -3.72
CA GLY B 72 -22.57 18.85 -5.08
C GLY B 72 -23.13 20.21 -5.35
N SER B 73 -22.33 21.05 -5.99
CA SER B 73 -22.73 22.41 -6.41
C SER B 73 -21.99 22.73 -7.70
N GLY B 74 -22.66 22.62 -8.86
CA GLY B 74 -22.04 22.85 -10.17
C GLY B 74 -20.82 21.95 -10.35
N THR B 75 -19.62 22.50 -10.40
CA THR B 75 -18.38 21.69 -10.62
C THR B 75 -17.68 21.35 -9.29
N ASP B 76 -18.20 21.78 -8.13
CA ASP B 76 -17.56 21.55 -6.82
C ASP B 76 -18.30 20.46 -6.02
N PHE B 77 -17.55 19.45 -5.60
CA PHE B 77 -18.07 18.30 -4.83
C PHE B 77 -17.32 18.21 -3.50
N THR B 78 -18.02 17.90 -2.44
CA THR B 78 -17.39 17.79 -1.11
C THR B 78 -17.83 16.51 -0.43
N LEU B 79 -16.88 15.79 0.14
CA LEU B 79 -17.17 14.67 1.07
C LEU B 79 -16.85 15.18 2.47
N THR B 80 -17.84 15.10 3.35
CA THR B 80 -17.67 15.49 4.78
C THR B 80 -17.73 14.25 5.66
N ILE B 81 -16.75 14.08 6.54
CA ILE B 81 -16.77 13.05 7.60
C ILE B 81 -16.92 13.80 8.92
N ASN B 82 -18.09 13.76 9.54
CA ASN B 82 -18.28 14.36 10.88
C ASN B 82 -17.77 13.32 11.88
N SER B 83 -17.29 13.78 13.02
CA SER B 83 -16.92 12.89 14.15
C SER B 83 -15.95 11.82 13.64
N LEU B 84 -14.84 12.23 13.05
CA LEU B 84 -13.83 11.30 12.47
C LEU B 84 -13.44 10.26 13.52
N GLN B 85 -13.45 8.99 13.11
CA GLN B 85 -13.07 7.82 13.96
C GLN B 85 -11.79 7.20 13.40
N ALA B 86 -11.05 6.44 14.19
CA ALA B 86 -9.79 5.81 13.71
C ALA B 86 -10.08 4.91 12.51
N GLU B 87 -11.26 4.29 12.46
CA GLU B 87 -11.62 3.37 11.33
C GLU B 87 -11.74 4.16 10.02
N ASP B 88 -11.78 5.50 10.08
CA ASP B 88 -12.00 6.34 8.87
C ASP B 88 -10.67 6.69 8.21
N VAL B 89 -9.54 6.32 8.81
CA VAL B 89 -8.21 6.53 8.20
C VAL B 89 -8.12 5.70 6.92
N ALA B 90 -7.97 6.36 5.77
CA ALA B 90 -8.10 5.74 4.44
C ALA B 90 -7.68 6.75 3.39
N VAL B 91 -7.58 6.31 2.15
CA VAL B 91 -7.54 7.21 0.98
C VAL B 91 -8.96 7.30 0.42
N TYR B 92 -9.43 8.52 0.23
CA TYR B 92 -10.75 8.79 -0.39
C TYR B 92 -10.56 9.31 -1.79
N TYR B 93 -11.39 8.77 -2.69
CA TYR B 93 -11.40 9.16 -4.11
C TYR B 93 -12.78 9.64 -4.51
N CYS B 94 -12.83 10.72 -5.26
CA CYS B 94 -14.03 11.05 -6.05
C CYS B 94 -13.94 10.38 -7.43
N GLN B 95 -15.07 10.24 -8.05
CA GLN B 95 -15.16 9.66 -9.42
C GLN B 95 -16.31 10.34 -10.14
N GLN B 96 -16.11 10.73 -11.39
CA GLN B 96 -17.26 11.07 -12.25
C GLN B 96 -17.62 9.88 -13.13
N TYR B 97 -18.92 9.67 -13.29
CA TYR B 97 -19.51 8.67 -14.20
C TYR B 97 -20.61 9.30 -15.05
N TYR B 98 -20.44 10.59 -15.34
CA TYR B 98 -21.34 11.36 -16.22
C TYR B 98 -21.15 10.86 -17.66
N THR B 99 -19.91 10.76 -18.09
CA THR B 99 -19.56 10.23 -19.44
C THR B 99 -19.46 8.71 -19.37
N SER B 100 -19.43 8.07 -20.54
CA SER B 100 -19.24 6.61 -20.65
C SER B 100 -17.88 6.22 -20.08
N ARG B 101 -16.85 7.00 -20.35
CA ARG B 101 -15.52 6.81 -19.73
C ARG B 101 -15.53 7.46 -18.35
N ARG B 102 -15.10 6.75 -17.32
CA ARG B 102 -15.08 7.28 -15.94
C ARG B 102 -13.70 7.81 -15.59
N THR B 103 -13.64 8.75 -14.64
CA THR B 103 -12.39 9.36 -14.15
C THR B 103 -12.42 9.40 -12.63
N PHE B 104 -11.38 8.88 -12.00
CA PHE B 104 -11.11 9.08 -10.55
C PHE B 104 -10.32 10.36 -10.34
N GLY B 105 -10.59 11.01 -9.22
CA GLY B 105 -9.63 12.01 -8.69
C GLY B 105 -8.36 11.33 -8.21
N GLN B 106 -7.37 12.10 -7.82
CA GLN B 106 -6.02 11.58 -7.51
C GLN B 106 -5.98 10.98 -6.10
N GLY B 107 -7.00 11.22 -5.27
CA GLY B 107 -7.03 10.70 -3.91
C GLY B 107 -6.62 11.72 -2.86
N THR B 108 -7.21 11.56 -1.68
CA THR B 108 -6.87 12.35 -0.47
C THR B 108 -6.64 11.35 0.65
N LYS B 109 -5.46 11.39 1.25
CA LYS B 109 -5.12 10.54 2.40
C LYS B 109 -5.61 11.25 3.67
N VAL B 110 -6.46 10.60 4.44
CA VAL B 110 -6.99 11.12 5.73
C VAL B 110 -6.31 10.35 6.85
N GLU B 111 -5.69 11.04 7.80
CA GLU B 111 -5.08 10.43 9.00
C GLU B 111 -5.67 11.11 10.23
N ILE B 112 -5.53 10.46 11.38
CA ILE B 112 -5.86 11.09 12.67
C ILE B 112 -4.72 12.03 13.06
N LYS B 113 -5.07 13.25 13.42
CA LYS B 113 -4.11 14.22 14.00
C LYS B 113 -4.03 13.95 15.49
N ARG B 114 -2.90 13.51 15.97
CA ARG B 114 -2.63 13.35 17.41
C ARG B 114 -1.55 14.35 17.77
N THR B 115 -1.17 14.42 19.03
CA THR B 115 -0.08 15.33 19.46
C THR B 115 1.24 14.82 18.89
N VAL B 116 2.17 15.75 18.73
CA VAL B 116 3.54 15.42 18.25
C VAL B 116 4.12 14.38 19.20
N ALA B 117 4.78 13.38 18.66
CA ALA B 117 5.45 12.30 19.41
C ALA B 117 6.81 12.05 18.76
N ALA B 118 7.87 12.20 19.53
CA ALA B 118 9.23 11.96 19.04
C ALA B 118 9.44 10.47 18.78
N PRO B 119 10.26 10.12 17.77
CA PRO B 119 10.59 8.72 17.52
C PRO B 119 11.57 8.18 18.58
N SER B 120 11.42 6.91 18.91
CA SER B 120 12.48 6.08 19.54
C SER B 120 13.34 5.49 18.43
N VAL B 121 14.65 5.67 18.48
CA VAL B 121 15.57 5.30 17.38
C VAL B 121 16.44 4.10 17.79
N PHE B 122 16.60 3.15 16.87
CA PHE B 122 17.41 1.94 17.06
C PHE B 122 18.24 1.70 15.80
N ILE B 123 19.47 1.25 15.98
CA ILE B 123 20.36 0.93 14.83
C ILE B 123 20.82 -0.53 14.94
N PHE B 124 20.87 -1.21 13.80
CA PHE B 124 21.26 -2.63 13.69
C PHE B 124 22.40 -2.75 12.69
N PRO B 125 23.56 -3.26 13.12
CA PRO B 125 24.61 -3.61 12.18
C PRO B 125 24.18 -4.75 11.27
N PRO B 126 24.91 -4.96 10.16
CA PRO B 126 24.73 -6.15 9.33
C PRO B 126 25.07 -7.38 10.18
N SER B 127 24.30 -8.44 9.98
CA SER B 127 24.56 -9.78 10.57
C SER B 127 25.85 -10.38 9.98
N ASP B 128 26.57 -11.20 10.76
CA ASP B 128 27.74 -11.95 10.22
C ASP B 128 27.27 -12.87 9.11
N GLU B 129 26.04 -13.41 9.24
CA GLU B 129 25.41 -14.30 8.22
C GLU B 129 25.35 -13.56 6.87
N GLN B 130 24.90 -12.31 6.87
CA GLN B 130 24.81 -11.54 5.61
C GLN B 130 26.21 -11.24 5.06
N LEU B 131 27.14 -10.86 5.92
CA LEU B 131 28.49 -10.46 5.47
C LEU B 131 29.16 -11.56 4.61
N LYS B 132 28.90 -12.84 4.86
CA LYS B 132 29.43 -13.95 4.01
C LYS B 132 29.13 -13.71 2.52
N SER B 133 28.14 -12.90 2.16
CA SER B 133 27.51 -12.85 0.80
C SER B 133 28.02 -11.67 -0.05
N GLY B 134 28.81 -10.76 0.51
CA GLY B 134 29.43 -9.65 -0.25
C GLY B 134 28.63 -8.36 -0.18
N THR B 135 27.49 -8.39 0.52
CA THR B 135 26.67 -7.20 0.80
C THR B 135 26.41 -7.08 2.31
N ALA B 136 26.26 -5.84 2.72
CA ALA B 136 25.99 -5.41 4.09
C ALA B 136 24.78 -4.51 4.03
N SER B 137 23.81 -4.74 4.88
CA SER B 137 22.64 -3.87 5.10
C SER B 137 22.71 -3.35 6.52
N VAL B 138 22.70 -2.04 6.70
CA VAL B 138 22.63 -1.41 8.04
C VAL B 138 21.23 -0.85 8.19
N VAL B 139 20.56 -1.13 9.30
CA VAL B 139 19.12 -0.78 9.46
C VAL B 139 18.96 0.21 10.60
N CYS B 140 18.14 1.23 10.37
CA CYS B 140 17.75 2.23 11.35
C CYS B 140 16.24 2.18 11.49
N LEU B 141 15.74 2.02 12.71
CA LEU B 141 14.31 1.99 13.04
C LEU B 141 13.94 3.26 13.79
N LEU B 142 12.90 3.93 13.34
CA LEU B 142 12.24 5.08 14.00
C LEU B 142 10.87 4.59 14.45
N ASN B 143 10.64 4.48 15.74
CA ASN B 143 9.42 3.80 16.23
C ASN B 143 8.47 4.83 16.86
N ASN B 144 7.20 4.72 16.45
CA ASN B 144 6.03 5.28 17.14
C ASN B 144 6.15 6.80 17.24
N PHE B 145 6.15 7.47 16.09
CA PHE B 145 6.32 8.94 16.01
C PHE B 145 5.13 9.55 15.26
N TYR B 146 4.95 10.84 15.46
CA TYR B 146 3.90 11.63 14.77
C TYR B 146 4.36 13.10 14.74
N PRO B 147 4.24 13.87 13.65
CA PRO B 147 3.69 13.43 12.37
C PRO B 147 4.69 12.57 11.58
N ARG B 148 4.26 12.17 10.38
CA ARG B 148 5.01 11.21 9.52
C ARG B 148 6.33 11.79 9.01
N GLU B 149 6.42 13.12 8.86
CA GLU B 149 7.61 13.79 8.31
C GLU B 149 8.80 13.53 9.23
N ALA B 150 9.85 12.94 8.70
CA ALA B 150 11.09 12.65 9.45
C ALA B 150 12.22 12.60 8.44
N LYS B 151 13.40 13.01 8.87
CA LYS B 151 14.60 12.94 8.01
C LYS B 151 15.57 11.96 8.66
N VAL B 152 16.01 10.96 7.91
CA VAL B 152 17.09 10.03 8.33
C VAL B 152 18.31 10.41 7.52
N GLN B 153 19.43 10.64 8.18
CA GLN B 153 20.73 10.90 7.54
C GLN B 153 21.71 9.82 8.01
N TRP B 154 22.15 8.98 7.10
CA TRP B 154 23.22 8.00 7.39
C TRP B 154 24.57 8.70 7.33
N LYS B 155 25.46 8.34 8.23
CA LYS B 155 26.85 8.81 8.16
C LYS B 155 27.77 7.62 8.35
N VAL B 156 28.85 7.57 7.59
CA VAL B 156 29.87 6.52 7.70
C VAL B 156 31.21 7.23 7.85
N ASP B 157 31.84 7.08 9.01
CA ASP B 157 33.09 7.83 9.35
C ASP B 157 32.83 9.32 9.08
N ASN B 158 31.66 9.79 9.48
CA ASN B 158 31.21 11.20 9.39
C ASN B 158 30.96 11.67 7.95
N ALA B 159 30.99 10.80 6.94
CA ALA B 159 30.61 11.14 5.57
C ALA B 159 29.10 10.97 5.42
N LEU B 160 28.38 12.02 5.04
CA LEU B 160 26.91 11.95 4.85
C LEU B 160 26.62 11.12 3.59
N GLN B 161 25.86 10.04 3.72
CA GLN B 161 25.48 9.15 2.61
C GLN B 161 24.25 9.71 1.91
N SER B 162 24.22 9.59 0.59
CA SER B 162 23.08 10.01 -0.24
C SER B 162 22.94 9.05 -1.42
N GLY B 163 21.75 8.48 -1.63
CA GLY B 163 21.45 7.65 -2.80
C GLY B 163 21.64 6.17 -2.60
N ASN B 164 22.18 5.75 -1.46
CA ASN B 164 22.46 4.33 -1.16
C ASN B 164 21.60 3.83 0.01
N SER B 165 20.49 4.50 0.29
CA SER B 165 19.50 4.06 1.29
C SER B 165 18.09 4.03 0.70
N GLN B 166 17.25 3.20 1.30
CA GLN B 166 15.80 3.18 0.99
C GLN B 166 15.04 3.11 2.31
N GLU B 167 13.89 3.73 2.35
CA GLU B 167 13.06 3.64 3.57
C GLU B 167 11.63 3.34 3.20
N SER B 168 10.90 2.90 4.20
CA SER B 168 9.45 2.73 4.09
C SER B 168 8.81 2.86 5.45
N VAL B 169 7.53 3.15 5.41
CA VAL B 169 6.76 3.69 6.57
C VAL B 169 5.51 2.83 6.72
N THR B 170 5.15 2.49 7.95
CA THR B 170 3.89 1.77 8.26
C THR B 170 2.66 2.67 8.04
N GLU B 171 1.50 2.06 7.93
CA GLU B 171 0.24 2.80 8.03
C GLU B 171 0.12 3.28 9.48
N GLN B 172 -0.67 4.31 9.69
CA GLN B 172 -0.94 4.86 11.04
C GLN B 172 -1.48 3.76 11.94
N ASP B 173 -0.93 3.63 13.15
CA ASP B 173 -1.41 2.63 14.14
C ASP B 173 -2.81 3.01 14.64
N SER B 174 -3.76 2.09 14.64
CA SER B 174 -5.18 2.43 14.95
C SER B 174 -5.36 2.82 16.43
N LYS B 175 -4.50 2.30 17.31
CA LYS B 175 -4.65 2.55 18.77
C LYS B 175 -3.90 3.82 19.21
N ASP B 176 -2.69 4.06 18.72
CA ASP B 176 -1.91 5.24 19.21
C ASP B 176 -1.72 6.28 18.10
N SER B 177 -2.16 6.03 16.88
CA SER B 177 -2.13 7.06 15.79
C SER B 177 -0.68 7.42 15.42
N THR B 178 0.31 6.59 15.70
CA THR B 178 1.72 6.84 15.31
C THR B 178 2.10 6.08 14.05
N TYR B 179 3.26 6.47 13.54
CA TYR B 179 3.98 5.82 12.42
C TYR B 179 5.26 5.21 12.95
N SER B 180 5.78 4.24 12.20
CA SER B 180 7.16 3.74 12.34
C SER B 180 7.78 3.71 10.94
N LEU B 181 9.09 3.82 10.88
CA LEU B 181 9.86 3.92 9.63
C LEU B 181 11.12 3.10 9.78
N SER B 182 11.51 2.39 8.73
CA SER B 182 12.82 1.72 8.67
C SER B 182 13.57 2.27 7.47
N SER B 183 14.82 2.57 7.68
CA SER B 183 15.77 2.96 6.62
C SER B 183 16.86 1.89 6.56
N THR B 184 17.21 1.47 5.35
CA THR B 184 18.30 0.51 5.11
C THR B 184 19.40 1.16 4.28
N LEU B 185 20.62 1.18 4.80
CA LEU B 185 21.82 1.61 4.05
C LEU B 185 22.45 0.36 3.44
N THR B 186 22.59 0.32 2.12
CA THR B 186 23.23 -0.82 1.41
C THR B 186 24.64 -0.41 1.00
N LEU B 187 25.62 -1.22 1.34
CA LEU B 187 27.00 -0.99 0.87
C LEU B 187 27.68 -2.33 0.67
N SER B 188 28.76 -2.31 -0.08
CA SER B 188 29.51 -3.54 -0.38
C SER B 188 30.12 -4.03 0.94
N LYS B 189 30.36 -5.33 1.05
CA LYS B 189 31.11 -5.89 2.19
C LYS B 189 32.48 -5.21 2.27
N ALA B 190 33.15 -5.00 1.15
CA ALA B 190 34.48 -4.34 1.12
C ALA B 190 34.38 -2.96 1.77
N ASP B 191 33.37 -2.16 1.41
CA ASP B 191 33.24 -0.79 1.99
C ASP B 191 32.90 -0.92 3.48
N TYR B 192 32.03 -1.84 3.87
CA TYR B 192 31.62 -1.99 5.30
C TYR B 192 32.86 -2.27 6.16
N GLU B 193 33.68 -3.22 5.71
CA GLU B 193 34.87 -3.68 6.50
C GLU B 193 35.98 -2.64 6.48
N LYS B 194 35.94 -1.69 5.56
CA LYS B 194 36.94 -0.60 5.47
C LYS B 194 36.64 0.51 6.51
N HIS B 195 35.38 0.81 6.76
CA HIS B 195 34.97 1.97 7.59
C HIS B 195 34.60 1.49 9.00
N LYS B 196 34.54 2.42 9.95
CA LYS B 196 34.41 2.09 11.39
C LYS B 196 33.08 2.53 11.99
N VAL B 197 32.73 3.81 11.87
CA VAL B 197 31.64 4.43 12.65
C VAL B 197 30.40 4.57 11.76
N TYR B 198 29.33 3.90 12.15
CA TYR B 198 28.04 3.85 11.40
C TYR B 198 27.00 4.55 12.25
N ALA B 199 26.40 5.59 11.71
CA ALA B 199 25.47 6.45 12.45
C ALA B 199 24.21 6.69 11.64
N CYS B 200 23.09 6.67 12.33
CA CYS B 200 21.77 7.08 11.84
C CYS B 200 21.39 8.36 12.60
N GLU B 201 21.29 9.49 11.91
CA GLU B 201 20.90 10.79 12.53
C GLU B 201 19.47 11.12 12.11
N VAL B 202 18.60 11.32 13.08
CA VAL B 202 17.14 11.49 12.89
C VAL B 202 16.75 12.92 13.27
N THR B 203 16.14 13.63 12.35
CA THR B 203 15.53 14.97 12.53
C THR B 203 14.00 14.79 12.53
N HIS B 204 13.34 15.31 13.54
CA HIS B 204 11.87 15.25 13.66
C HIS B 204 11.39 16.40 14.54
N GLN B 205 10.20 16.88 14.29
CA GLN B 205 9.74 18.10 15.00
C GLN B 205 9.47 17.80 16.47
N GLY B 206 9.38 16.55 16.88
CA GLY B 206 9.23 16.15 18.29
C GLY B 206 10.54 16.15 19.05
N LEU B 207 11.67 16.38 18.37
CA LEU B 207 13.03 16.42 18.98
C LEU B 207 13.55 17.85 19.01
N SER B 208 14.27 18.24 20.07
CA SER B 208 14.89 19.59 20.16
C SER B 208 16.01 19.76 19.15
N SER B 209 16.68 18.66 18.82
CA SER B 209 17.89 18.62 17.95
C SER B 209 17.99 17.20 17.42
N PRO B 210 18.72 16.96 16.33
CA PRO B 210 18.77 15.60 15.79
C PRO B 210 19.31 14.59 16.80
N VAL B 211 18.75 13.38 16.75
CA VAL B 211 19.17 12.25 17.62
C VAL B 211 20.02 11.33 16.76
N THR B 212 21.20 10.93 17.26
CA THR B 212 22.10 10.00 16.55
C THR B 212 22.20 8.71 17.33
N LYS B 213 22.00 7.59 16.66
CA LYS B 213 22.34 6.25 17.16
C LYS B 213 23.48 5.74 16.30
N SER B 214 24.51 5.19 16.91
CA SER B 214 25.72 4.76 16.17
C SER B 214 26.29 3.49 16.79
N PHE B 215 27.08 2.80 15.99
CA PHE B 215 27.94 1.69 16.45
C PHE B 215 29.29 1.80 15.74
N ASN B 216 30.30 1.21 16.37
CA ASN B 216 31.62 0.96 15.77
C ASN B 216 31.65 -0.47 15.28
N ARG B 217 31.98 -0.68 14.02
CA ARG B 217 32.03 -2.05 13.43
C ARG B 217 32.95 -2.91 14.32
N GLY B 218 32.44 -4.09 14.73
CA GLY B 218 33.21 -5.09 15.50
C GLY B 218 32.94 -5.05 16.99
N GLU B 219 32.20 -4.05 17.49
CA GLU B 219 31.92 -3.86 18.93
C GLU B 219 30.49 -4.31 19.25
#